data_3B0C
#
_entry.id   3B0C
#
_cell.length_a   54.933
_cell.length_b   54.933
_cell.length_c   122.463
_cell.angle_alpha   90.00
_cell.angle_beta   90.00
_cell.angle_gamma   120.00
#
_symmetry.space_group_name_H-M   'P 32 2 1'
#
loop_
_entity.id
_entity.type
_entity.pdbx_description
1 polymer 'Centromere protein T'
2 polymer 'Centromere protein W'
3 non-polymer 'CITRIC ACID'
4 water water
#
loop_
_entity_poly.entity_id
_entity_poly.type
_entity_poly.pdbx_seq_one_letter_code
_entity_poly.pdbx_strand_id
1 'polypeptide(L)'
;GSTREPEIASSLIKQIFSHYVKTPVTRDAYKIVEKCSERYFKQISSDLEAYSQHAGRKTVEMADVELLMRRQGLVTDKMP
LHVLVERHLPLEYRKLLIPIAVSGNKVIPCK
;
T
2 'polypeptide(L)' GRRTVPRGTLRKIIKKHKPHLRLAANTDLLVHLSFLLFLHRLAEEARTNAFENKSKIIKPEHTIAAAKVILKKSRG W
#
loop_
_chem_comp.id
_chem_comp.type
_chem_comp.name
_chem_comp.formula
CIT non-polymer 'CITRIC ACID' 'C6 H8 O7'
#
# COMPACT_ATOMS: atom_id res chain seq x y z
N SER A 10 -8.38 -2.99 -9.81
CA SER A 10 -9.15 -2.27 -10.82
C SER A 10 -8.29 -1.36 -11.70
N SER A 11 -8.98 -0.49 -12.42
CA SER A 11 -8.41 0.48 -13.35
C SER A 11 -7.46 1.42 -12.59
N LEU A 12 -7.88 1.78 -11.40
CA LEU A 12 -7.16 2.65 -10.49
C LEU A 12 -5.77 2.09 -10.19
N ILE A 13 -5.72 0.83 -9.81
CA ILE A 13 -4.43 0.19 -9.54
C ILE A 13 -3.51 0.34 -10.76
N LYS A 14 -4.09 0.29 -11.95
CA LYS A 14 -3.33 0.50 -13.17
C LYS A 14 -2.83 1.94 -13.28
N GLN A 15 -3.72 2.91 -13.09
CA GLN A 15 -3.31 4.30 -13.11
C GLN A 15 -2.12 4.56 -12.20
N ILE A 16 -2.25 4.13 -10.95
CA ILE A 16 -1.20 4.33 -9.96
C ILE A 16 0.11 3.62 -10.32
N PHE A 17 0.01 2.33 -10.60
CA PHE A 17 1.20 1.57 -10.95
C PHE A 17 1.94 2.15 -12.17
N SER A 18 1.18 2.53 -13.19
CA SER A 18 1.80 3.10 -14.37
C SER A 18 2.43 4.42 -13.99
N HIS A 19 1.73 5.19 -13.16
CA HIS A 19 2.21 6.51 -12.76
C HIS A 19 3.59 6.34 -12.12
N TYR A 20 3.74 5.31 -11.28
CA TYR A 20 5.01 5.13 -10.58
C TYR A 20 6.07 4.46 -11.48
N VAL A 21 5.66 3.55 -12.35
CA VAL A 21 6.64 2.74 -13.07
C VAL A 21 7.25 3.49 -14.26
N LYS A 22 6.45 4.38 -14.85
CA LYS A 22 6.96 5.38 -15.79
C LYS A 22 7.40 4.73 -17.11
N THR A 23 7.17 3.43 -17.25
CA THR A 23 7.38 2.76 -18.54
C THR A 23 6.21 1.83 -18.88
N PRO A 24 6.12 1.40 -20.14
CA PRO A 24 4.98 0.56 -20.52
C PRO A 24 4.94 -0.80 -19.79
N VAL A 25 3.73 -1.28 -19.53
CA VAL A 25 3.53 -2.48 -18.73
C VAL A 25 2.53 -3.38 -19.46
N THR A 26 2.85 -4.66 -19.61
CA THR A 26 1.93 -5.60 -20.27
C THR A 26 0.62 -5.79 -19.50
N ARG A 27 -0.40 -6.29 -20.19
CA ARG A 27 -1.69 -6.60 -19.56
C ARG A 27 -1.51 -7.61 -18.43
N ASP A 28 -0.67 -8.61 -18.68
CA ASP A 28 -0.49 -9.67 -17.70
C ASP A 28 0.22 -9.09 -16.48
N ALA A 29 1.18 -8.20 -16.72
CA ALA A 29 1.94 -7.60 -15.63
C ALA A 29 1.00 -6.87 -14.67
N TYR A 30 0.09 -6.09 -15.25
CA TYR A 30 -0.96 -5.42 -14.51
C TYR A 30 -1.82 -6.37 -13.71
N LYS A 31 -2.13 -7.50 -14.33
CA LYS A 31 -2.95 -8.50 -13.67
C LYS A 31 -2.20 -9.02 -12.44
N ILE A 32 -0.89 -9.17 -12.57
CA ILE A 32 -0.06 -9.52 -11.42
C ILE A 32 -0.11 -8.45 -10.34
N VAL A 33 0.02 -7.20 -10.74
CA VAL A 33 -0.02 -6.14 -9.75
C VAL A 33 -1.32 -6.21 -8.93
N GLU A 34 -2.43 -6.45 -9.63
CA GLU A 34 -3.72 -6.61 -8.95
C GLU A 34 -3.71 -7.78 -7.98
N LYS A 35 -3.18 -8.91 -8.41
CA LYS A 35 -3.13 -10.09 -7.54
C LYS A 35 -2.31 -9.80 -6.30
N CYS A 36 -1.14 -9.19 -6.50
CA CYS A 36 -0.23 -8.86 -5.41
C CYS A 36 -0.80 -7.80 -4.47
N SER A 37 -1.71 -6.99 -4.99
CA SER A 37 -2.38 -5.96 -4.20
C SER A 37 -3.42 -6.58 -3.28
N GLU A 38 -4.09 -7.60 -3.82
CA GLU A 38 -5.02 -8.39 -3.03
C GLU A 38 -4.24 -9.05 -1.91
N ARG A 39 -3.09 -9.63 -2.26
CA ARG A 39 -2.22 -10.19 -1.23
C ARG A 39 -1.79 -9.19 -0.16
N TYR A 40 -1.45 -7.98 -0.61
CA TYR A 40 -1.00 -6.92 0.30
C TYR A 40 -2.08 -6.67 1.34
N PHE A 41 -3.31 -6.51 0.87
CA PHE A 41 -4.38 -6.18 1.82
C PHE A 41 -4.66 -7.33 2.78
N LYS A 42 -4.59 -8.56 2.27
CA LYS A 42 -4.77 -9.71 3.15
C LYS A 42 -3.74 -9.68 4.31
N GLN A 43 -2.47 -9.52 3.93
CA GLN A 43 -1.40 -9.51 4.92
C GLN A 43 -1.50 -8.36 5.95
N ILE A 44 -1.68 -7.14 5.47
CA ILE A 44 -1.78 -6.05 6.43
C ILE A 44 -3.03 -6.19 7.30
N SER A 45 -4.13 -6.70 6.75
CA SER A 45 -5.32 -6.96 7.57
C SER A 45 -4.97 -7.81 8.78
N SER A 46 -4.19 -8.87 8.56
CA SER A 46 -3.75 -9.65 9.74
C SER A 46 -2.83 -8.86 10.67
N ASP A 47 -1.93 -8.04 10.12
CA ASP A 47 -1.10 -7.25 11.06
C ASP A 47 -1.92 -6.25 11.91
N LEU A 48 -2.90 -5.61 11.28
CA LEU A 48 -3.70 -4.59 11.93
C LEU A 48 -4.58 -5.26 13.01
N GLU A 49 -5.14 -6.42 12.68
CA GLU A 49 -5.81 -7.21 13.70
C GLU A 49 -4.88 -7.48 14.87
N ALA A 50 -3.67 -7.95 14.60
CA ALA A 50 -2.73 -8.17 15.70
C ALA A 50 -2.55 -6.93 16.56
N TYR A 51 -2.33 -5.76 15.95
CA TYR A 51 -2.15 -4.54 16.72
C TYR A 51 -3.35 -4.23 17.63
N SER A 52 -4.55 -4.20 17.04
CA SER A 52 -5.78 -4.00 17.79
C SER A 52 -5.95 -5.02 18.93
N GLN A 53 -5.92 -6.32 18.60
CA GLN A 53 -6.15 -7.36 19.61
C GLN A 53 -5.13 -7.20 20.72
N HIS A 54 -3.90 -6.81 20.36
CA HIS A 54 -2.85 -6.69 21.35
C HIS A 54 -3.12 -5.51 22.28
N ALA A 55 -3.77 -4.48 21.75
CA ALA A 55 -4.08 -3.31 22.58
C ALA A 55 -5.48 -3.49 23.17
N GLY A 56 -5.97 -4.72 23.11
CA GLY A 56 -7.21 -5.07 23.74
C GLY A 56 -8.42 -4.31 23.23
N ARG A 57 -8.44 -3.98 21.94
CA ARG A 57 -9.57 -3.22 21.40
C ARG A 57 -9.92 -3.70 20.00
N LYS A 58 -11.06 -3.25 19.48
CA LYS A 58 -11.56 -3.74 18.19
C LYS A 58 -11.43 -2.72 17.07
N THR A 59 -10.81 -1.57 17.34
CA THR A 59 -10.65 -0.58 16.30
C THR A 59 -9.20 -0.47 15.84
N VAL A 60 -9.01 -0.07 14.59
CA VAL A 60 -7.70 0.34 14.08
C VAL A 60 -7.57 1.85 14.29
N GLU A 61 -6.53 2.25 15.02
CA GLU A 61 -6.25 3.67 15.29
C GLU A 61 -5.08 4.16 14.45
N MET A 62 -5.01 5.48 14.30
CA MET A 62 -3.94 6.13 13.54
C MET A 62 -2.57 5.57 13.90
N ALA A 63 -2.31 5.46 15.20
CA ALA A 63 -1.04 4.97 15.70
C ALA A 63 -0.75 3.53 15.25
N ASP A 64 -1.79 2.74 15.06
CA ASP A 64 -1.61 1.37 14.56
C ASP A 64 -1.04 1.36 13.14
N VAL A 65 -1.70 2.08 12.25
CA VAL A 65 -1.25 2.15 10.87
C VAL A 65 0.08 2.84 10.74
N GLU A 66 0.36 3.75 11.66
CA GLU A 66 1.68 4.36 11.65
C GLU A 66 2.72 3.31 12.04
N LEU A 67 2.39 2.52 13.05
CA LEU A 67 3.29 1.44 13.46
C LEU A 67 3.50 0.42 12.32
N LEU A 68 2.43 0.09 11.59
CA LEU A 68 2.52 -0.74 10.38
C LEU A 68 3.56 -0.17 9.47
N MET A 69 3.46 1.13 9.21
CA MET A 69 4.31 1.73 8.18
C MET A 69 5.74 1.87 8.69
N ARG A 70 5.92 2.01 9.99
CA ARG A 70 7.25 1.98 10.58
C ARG A 70 7.89 0.60 10.46
N ARG A 71 7.09 -0.44 10.69
CA ARG A 71 7.58 -1.81 10.61
C ARG A 71 7.95 -2.11 9.16
N GLN A 72 7.23 -1.49 8.22
CA GLN A 72 7.51 -1.71 6.80
C GLN A 72 8.74 -0.93 6.32
N GLY A 73 9.35 -0.16 7.21
CA GLY A 73 10.53 0.60 6.82
C GLY A 73 10.20 1.90 6.11
N LEU A 74 8.92 2.27 6.09
CA LEU A 74 8.47 3.48 5.40
C LEU A 74 8.55 4.71 6.33
N VAL A 75 8.00 4.60 7.53
CA VAL A 75 8.19 5.64 8.54
C VAL A 75 9.51 5.39 9.29
N THR A 76 10.38 6.40 9.30
CA THR A 76 11.64 6.28 10.04
C THR A 76 11.97 7.61 10.70
N ASP A 77 13.08 7.63 11.43
CA ASP A 77 13.49 8.87 12.08
C ASP A 77 13.77 10.01 11.11
N LYS A 78 14.33 9.68 9.95
CA LYS A 78 14.62 10.70 8.95
C LYS A 78 13.39 11.04 8.12
N MET A 79 12.37 10.21 8.22
CA MET A 79 11.24 10.28 7.32
C MET A 79 9.94 10.07 8.08
N PRO A 80 9.51 11.09 8.82
CA PRO A 80 8.33 10.87 9.66
C PRO A 80 7.08 10.78 8.80
N LEU A 81 6.03 10.25 9.41
CA LEU A 81 4.77 10.00 8.71
C LEU A 81 4.19 11.25 8.01
N HIS A 82 4.19 12.39 8.70
CA HIS A 82 3.52 13.55 8.13
C HIS A 82 4.17 13.90 6.78
N VAL A 83 5.47 13.64 6.66
CA VAL A 83 6.16 13.86 5.39
C VAL A 83 5.62 12.97 4.27
N LEU A 84 5.40 11.70 4.58
CA LEU A 84 4.77 10.81 3.61
C LEU A 84 3.36 11.25 3.22
N VAL A 85 2.60 11.71 4.22
CA VAL A 85 1.26 12.22 3.95
C VAL A 85 1.29 13.46 3.04
N GLU A 86 2.19 14.40 3.33
CA GLU A 86 2.29 15.63 2.56
C GLU A 86 2.69 15.28 1.14
N ARG A 87 3.71 14.42 1.02
CA ARG A 87 4.27 14.04 -0.27
C ARG A 87 3.32 13.23 -1.17
N HIS A 88 2.48 12.38 -0.57
CA HIS A 88 1.79 11.35 -1.37
C HIS A 88 0.28 11.39 -1.44
N LEU A 89 -0.39 12.19 -0.62
CA LEU A 89 -1.85 12.25 -0.64
C LEU A 89 -2.34 13.61 -1.09
N PRO A 90 -3.52 13.64 -1.69
CA PRO A 90 -4.08 14.88 -2.23
C PRO A 90 -4.51 15.81 -1.11
N LEU A 91 -4.62 17.09 -1.44
CA LEU A 91 -4.95 18.12 -0.48
C LEU A 91 -6.13 17.76 0.41
N GLU A 92 -7.24 17.34 -0.18
CA GLU A 92 -8.42 17.00 0.63
C GLU A 92 -8.16 15.94 1.72
N TYR A 93 -7.20 15.06 1.52
CA TYR A 93 -6.85 14.06 2.52
C TYR A 93 -5.85 14.63 3.52
N ARG A 94 -4.90 15.42 3.03
CA ARG A 94 -3.95 16.06 3.93
C ARG A 94 -4.68 16.93 4.93
N LYS A 95 -5.76 17.56 4.46
CA LYS A 95 -6.59 18.39 5.31
C LYS A 95 -7.17 17.61 6.45
N LEU A 96 -7.63 16.39 6.18
CA LEU A 96 -8.19 15.57 7.25
C LEU A 96 -7.09 15.04 8.18
N LEU A 97 -5.95 14.71 7.60
CA LEU A 97 -4.88 14.05 8.35
C LEU A 97 -4.03 15.08 9.07
N ILE A 98 -3.84 16.22 8.43
CA ILE A 98 -2.89 17.21 8.92
C ILE A 98 -3.50 18.61 8.83
N PRO A 99 -4.55 18.84 9.62
CA PRO A 99 -5.23 20.14 9.57
C PRO A 99 -4.44 21.21 10.29
N ILE A 100 -3.53 20.81 11.17
CA ILE A 100 -2.46 21.68 11.63
C ILE A 100 -1.10 21.08 11.32
N THR B 4 -7.99 11.22 -5.77
CA THR B 4 -9.29 10.55 -5.68
C THR B 4 -9.14 9.07 -5.36
N VAL B 5 -10.06 8.54 -4.55
CA VAL B 5 -10.02 7.14 -4.10
C VAL B 5 -11.32 6.74 -3.40
N PRO B 6 -11.79 5.51 -3.69
CA PRO B 6 -12.94 4.86 -3.06
C PRO B 6 -12.70 4.45 -1.61
N ARG B 7 -13.05 5.28 -0.66
CA ARG B 7 -12.77 4.94 0.74
C ARG B 7 -13.59 3.71 1.15
N GLY B 8 -14.85 3.72 0.72
CA GLY B 8 -15.77 2.62 0.94
C GLY B 8 -15.13 1.32 0.54
N THR B 9 -14.49 1.34 -0.62
CA THR B 9 -13.88 0.15 -1.16
C THR B 9 -12.82 -0.36 -0.19
N LEU B 10 -11.95 0.54 0.27
CA LEU B 10 -10.94 0.23 1.28
C LEU B 10 -11.55 -0.49 2.47
N ARG B 11 -12.58 0.12 3.04
CA ARG B 11 -13.24 -0.41 4.23
C ARG B 11 -13.74 -1.82 3.93
N LYS B 12 -14.36 -1.98 2.76
CA LYS B 12 -14.86 -3.28 2.34
C LYS B 12 -13.76 -4.32 2.18
N ILE B 13 -12.66 -3.96 1.55
CA ILE B 13 -11.51 -4.85 1.39
C ILE B 13 -11.04 -5.38 2.73
N ILE B 14 -10.79 -4.43 3.63
CA ILE B 14 -10.34 -4.84 4.95
C ILE B 14 -11.38 -5.74 5.60
N LYS B 15 -12.66 -5.40 5.45
CA LYS B 15 -13.72 -6.22 6.01
C LYS B 15 -13.74 -7.62 5.43
N LYS B 16 -13.52 -7.71 4.12
CA LYS B 16 -13.40 -8.98 3.44
C LYS B 16 -12.44 -9.85 4.18
N HIS B 17 -11.28 -9.30 4.53
CA HIS B 17 -10.35 -10.15 5.26
C HIS B 17 -10.64 -10.32 6.77
N LYS B 18 -11.11 -9.27 7.44
CA LYS B 18 -11.36 -9.35 8.89
C LYS B 18 -12.65 -8.58 9.16
N PRO B 19 -13.80 -9.28 9.10
CA PRO B 19 -15.09 -8.56 9.20
C PRO B 19 -15.36 -7.85 10.53
N HIS B 20 -14.63 -8.19 11.58
CA HIS B 20 -14.92 -7.56 12.86
C HIS B 20 -13.85 -6.54 13.23
N LEU B 21 -12.96 -6.23 12.30
CA LEU B 21 -12.06 -5.08 12.42
C LEU B 21 -12.79 -3.78 12.15
N ARG B 22 -12.73 -2.88 13.12
CA ARG B 22 -13.20 -1.51 12.94
C ARG B 22 -12.10 -0.49 12.70
N LEU B 23 -12.26 0.25 11.62
CA LEU B 23 -11.41 1.39 11.25
C LEU B 23 -11.90 2.67 11.90
N ALA B 24 -11.03 3.34 12.65
CA ALA B 24 -11.41 4.66 13.21
C ALA B 24 -11.61 5.58 12.00
N ALA B 25 -12.23 6.74 12.22
CA ALA B 25 -12.57 7.65 11.13
C ALA B 25 -11.62 7.96 9.95
N ASN B 26 -10.47 8.54 10.17
CA ASN B 26 -9.54 8.72 9.04
C ASN B 26 -8.38 7.72 8.81
N THR B 27 -8.34 6.65 9.60
CA THR B 27 -7.34 5.60 9.36
C THR B 27 -7.37 4.93 7.99
N ASP B 28 -8.51 4.93 7.31
CA ASP B 28 -8.57 4.30 6.01
C ASP B 28 -7.62 5.05 5.09
N LEU B 29 -7.38 6.32 5.42
CA LEU B 29 -6.52 7.17 4.62
C LEU B 29 -5.03 6.84 4.76
N LEU B 30 -4.62 6.53 5.99
CA LEU B 30 -3.28 5.98 6.19
C LEU B 30 -3.12 4.59 5.58
N VAL B 31 -4.17 3.78 5.63
CA VAL B 31 -4.10 2.46 4.98
C VAL B 31 -3.88 2.65 3.47
N HIS B 32 -4.62 3.59 2.91
CA HIS B 32 -4.50 3.85 1.49
C HIS B 32 -3.10 4.34 1.17
N LEU B 33 -2.56 5.18 2.06
CA LEU B 33 -1.19 5.63 1.86
C LEU B 33 -0.18 4.47 1.84
N SER B 34 -0.33 3.54 2.78
CA SER B 34 0.58 2.42 2.84
C SER B 34 0.49 1.57 1.59
N PHE B 35 -0.71 1.51 1.02
CA PHE B 35 -0.89 0.78 -0.22
C PHE B 35 -0.22 1.46 -1.42
N LEU B 36 -0.39 2.77 -1.48
CA LEU B 36 0.29 3.56 -2.50
C LEU B 36 1.80 3.38 -2.42
N LEU B 37 2.34 3.42 -1.21
CA LEU B 37 3.78 3.24 -1.04
C LEU B 37 4.20 1.83 -1.43
N PHE B 38 3.31 0.88 -1.16
CA PHE B 38 3.51 -0.48 -1.65
C PHE B 38 3.64 -0.57 -3.15
N LEU B 39 2.69 0.03 -3.85
CA LEU B 39 2.74 0.04 -5.30
C LEU B 39 3.98 0.79 -5.81
N HIS B 40 4.36 1.87 -5.14
CA HIS B 40 5.58 2.58 -5.52
C HIS B 40 6.80 1.67 -5.43
N ARG B 41 6.92 0.98 -4.30
CA ARG B 41 8.07 0.10 -4.11
C ARG B 41 8.06 -1.00 -5.16
N LEU B 42 6.86 -1.45 -5.50
CA LEU B 42 6.68 -2.56 -6.43
C LEU B 42 7.13 -2.12 -7.81
N ALA B 43 6.68 -0.92 -8.18
CA ALA B 43 7.09 -0.30 -9.43
C ALA B 43 8.60 -0.10 -9.55
N GLU B 44 9.24 0.41 -8.50
CA GLU B 44 10.70 0.52 -8.58
C GLU B 44 11.43 -0.82 -8.71
N GLU B 45 11.00 -1.81 -7.94
CA GLU B 45 11.65 -3.12 -8.01
C GLU B 45 11.43 -3.78 -9.40
N ALA B 46 10.20 -3.71 -9.88
CA ALA B 46 9.83 -4.30 -11.17
C ALA B 46 10.61 -3.61 -12.30
N ARG B 47 10.66 -2.28 -12.28
CA ARG B 47 11.41 -1.57 -13.30
C ARG B 47 12.85 -2.03 -13.25
N THR B 48 13.44 -2.12 -12.07
CA THR B 48 14.79 -2.63 -11.99
C THR B 48 14.90 -4.04 -12.61
N ASN B 49 13.93 -4.92 -12.37
CA ASN B 49 13.96 -6.25 -12.99
C ASN B 49 14.00 -6.14 -14.53
N ALA B 50 13.07 -5.34 -15.05
CA ALA B 50 12.98 -5.12 -16.47
C ALA B 50 14.30 -4.62 -17.01
N PHE B 51 14.86 -3.64 -16.32
CA PHE B 51 16.09 -2.99 -16.75
C PHE B 51 17.20 -4.04 -16.78
N GLU B 52 17.21 -4.93 -15.78
CA GLU B 52 18.18 -6.03 -15.74
C GLU B 52 18.04 -6.96 -16.93
N ASN B 53 16.85 -7.02 -17.51
CA ASN B 53 16.69 -7.87 -18.69
C ASN B 53 16.77 -7.11 -20.00
N LYS B 54 16.95 -5.79 -19.92
CA LYS B 54 16.94 -4.97 -21.11
C LYS B 54 15.59 -5.08 -21.79
N SER B 55 14.56 -5.33 -20.98
CA SER B 55 13.21 -5.32 -21.50
C SER B 55 12.66 -3.91 -21.46
N LYS B 56 12.36 -3.37 -22.64
CA LYS B 56 11.75 -2.04 -22.76
C LYS B 56 10.36 -1.96 -22.16
N ILE B 57 9.77 -3.10 -21.84
CA ILE B 57 8.47 -3.16 -21.18
C ILE B 57 8.42 -3.99 -19.89
N ILE B 58 7.49 -3.66 -19.01
CA ILE B 58 7.37 -4.39 -17.75
C ILE B 58 6.62 -5.70 -17.99
N LYS B 59 7.29 -6.82 -17.70
CA LYS B 59 6.69 -8.13 -17.89
C LYS B 59 6.27 -8.83 -16.59
N PRO B 60 5.32 -9.76 -16.70
CA PRO B 60 4.78 -10.51 -15.56
C PRO B 60 5.89 -10.98 -14.64
N GLU B 61 7.00 -11.43 -15.20
CA GLU B 61 8.02 -12.03 -14.35
C GLU B 61 8.82 -10.99 -13.58
N HIS B 62 8.89 -9.79 -14.14
CA HIS B 62 9.49 -8.66 -13.42
C HIS B 62 8.64 -8.36 -12.20
N THR B 63 7.35 -8.17 -12.44
CA THR B 63 6.44 -7.88 -11.34
C THR B 63 6.30 -8.99 -10.30
N ILE B 64 6.40 -10.24 -10.72
CA ILE B 64 6.30 -11.36 -9.79
C ILE B 64 7.54 -11.42 -8.89
N ALA B 65 8.73 -11.40 -9.49
CA ALA B 65 9.93 -11.36 -8.63
C ALA B 65 9.93 -10.14 -7.71
N ALA B 66 9.42 -9.03 -8.23
CA ALA B 66 9.43 -7.79 -7.45
C ALA B 66 8.47 -7.94 -6.27
N ALA B 67 7.28 -8.47 -6.55
CA ALA B 67 6.24 -8.76 -5.54
C ALA B 67 6.85 -9.59 -4.43
N LYS B 68 7.59 -10.62 -4.77
CA LYS B 68 8.13 -11.44 -3.69
C LYS B 68 9.00 -10.57 -2.77
N VAL B 69 9.93 -9.83 -3.37
CA VAL B 69 10.74 -8.91 -2.54
C VAL B 69 9.97 -7.87 -1.69
N ILE B 70 8.97 -7.23 -2.30
CA ILE B 70 8.29 -6.10 -1.66
C ILE B 70 7.28 -6.56 -0.61
N LEU B 71 6.54 -7.64 -0.89
CA LEU B 71 5.67 -8.17 0.17
C LEU B 71 6.55 -8.56 1.35
N LYS B 72 7.72 -9.11 1.08
CA LYS B 72 8.58 -9.41 2.21
C LYS B 72 8.87 -8.11 2.99
N LYS B 73 9.20 -7.02 2.30
CA LYS B 73 9.36 -5.74 3.01
C LYS B 73 8.09 -5.18 3.69
N SER B 74 6.91 -5.61 3.26
CA SER B 74 5.65 -5.04 3.73
C SER B 74 5.11 -5.68 5.00
N ARG B 75 5.79 -6.71 5.51
CA ARG B 75 5.37 -7.36 6.76
C ARG B 75 5.28 -6.38 7.93
N GLY B 76 4.36 -6.63 8.86
CA GLY B 76 4.15 -5.71 9.96
C GLY B 76 4.77 -6.23 11.26
C1 CIT C . 1.76 10.41 -5.83
O1 CIT C . 2.20 9.73 -4.88
O2 CIT C . 0.77 10.01 -6.48
C2 CIT C . 2.44 11.71 -6.19
C3 CIT C . 3.93 11.43 -6.25
O7 CIT C . 4.20 10.29 -5.41
C4 CIT C . 4.80 12.59 -5.80
C5 CIT C . 6.23 12.18 -6.02
O3 CIT C . 6.73 11.22 -5.38
O4 CIT C . 6.93 12.77 -6.86
C6 CIT C . 4.32 11.11 -7.68
O5 CIT C . 4.16 11.94 -8.60
O6 CIT C . 4.85 10.00 -7.94
C1 CIT D . 11.10 17.04 6.38
O1 CIT D . 11.19 16.73 5.17
O2 CIT D . 10.35 17.99 6.71
C2 CIT D . 11.90 16.25 7.39
C3 CIT D . 11.72 16.75 8.83
O7 CIT D . 12.30 15.76 9.72
C4 CIT D . 10.25 16.93 9.20
C5 CIT D . 10.06 16.41 10.60
O3 CIT D . 11.05 16.12 11.30
O4 CIT D . 8.91 16.27 11.07
C6 CIT D . 12.42 18.09 9.04
O5 CIT D . 13.57 18.26 8.60
O6 CIT D . 11.82 19.02 9.64
C1 CIT E . 9.54 3.60 -1.28
O1 CIT E . 10.31 3.04 -0.45
O2 CIT E . 9.56 3.28 -2.48
C2 CIT E . 8.57 4.68 -0.83
C3 CIT E . 9.34 5.96 -0.52
O7 CIT E . 10.43 5.69 0.39
C4 CIT E . 8.34 6.94 0.08
C5 CIT E . 8.99 8.30 0.20
O3 CIT E . 8.30 9.31 -0.07
O4 CIT E . 10.18 8.39 0.58
C6 CIT E . 9.91 6.60 -1.77
O5 CIT E . 11.13 6.53 -2.00
O6 CIT E . 9.17 7.20 -2.57
#